data_6FIA
#
_entry.id   6FIA
#
_cell.length_a   92.160
_cell.length_b   250.610
_cell.length_c   33.830
_cell.angle_alpha   90.00
_cell.angle_beta   90.00
_cell.angle_gamma   90.00
#
_symmetry.space_group_name_H-M   'P 21 21 2'
#
loop_
_entity.id
_entity.type
_entity.pdbx_description
1 polymer 'LINE-1 retrotransposable element ORF1 protein'
2 non-polymer 'CHLORIDE ION'
3 water water
#
_entity_poly.entity_id   1
_entity_poly.type   'polypeptide(L)'
_entity_poly.pdbx_seq_one_letter_code
;GPHMSELREDIQTKGKEVENFEKNLEECITRITNTEKCLKELMELKTKARELREECRSLRSRCDQLEERVSAAEDEINEI
KREGKFREKRIKRNEQSLQEIWDY
;
_entity_poly.pdbx_strand_id   A,B,C,D,E,F
#
# COMPACT_ATOMS: atom_id res chain seq x y z
N PRO A 2 -20.73 43.53 56.68
CA PRO A 2 -19.38 43.95 56.25
C PRO A 2 -18.33 42.88 56.52
N HIS A 3 -18.23 42.37 57.76
CA HIS A 3 -17.31 41.29 58.09
C HIS A 3 -17.80 39.94 57.57
N MET A 4 -19.10 39.90 57.17
CA MET A 4 -19.73 38.79 56.49
C MET A 4 -19.30 38.88 55.03
N SER A 5 -19.33 40.12 54.46
CA SER A 5 -18.93 40.43 53.07
C SER A 5 -17.41 40.19 52.82
N GLU A 6 -16.58 40.46 53.85
CA GLU A 6 -15.14 40.23 53.85
C GLU A 6 -14.90 38.71 53.72
N LEU A 7 -15.66 37.91 54.51
CA LEU A 7 -15.64 36.45 54.59
C LEU A 7 -16.17 35.78 53.33
N ARG A 8 -17.35 36.22 52.82
CA ARG A 8 -18.00 35.66 51.61
C ARG A 8 -17.05 35.76 50.41
N GLU A 9 -16.30 36.88 50.34
CA GLU A 9 -15.35 37.16 49.31
C GLU A 9 -14.20 36.17 49.30
N ASP A 10 -13.61 35.86 50.48
CA ASP A 10 -12.48 34.90 50.54
C ASP A 10 -12.96 33.48 50.23
N ILE A 11 -14.21 33.15 50.62
CA ILE A 11 -14.84 31.86 50.36
C ILE A 11 -15.09 31.71 48.87
N GLN A 12 -15.51 32.79 48.20
CA GLN A 12 -15.79 32.78 46.76
C GLN A 12 -14.56 32.82 45.93
N THR A 13 -13.55 33.59 46.38
CA THR A 13 -12.25 33.67 45.71
C THR A 13 -11.60 32.30 45.72
N LYS A 14 -11.46 31.69 46.89
CA LYS A 14 -10.79 30.40 46.99
C LYS A 14 -11.63 29.27 46.38
N GLY A 15 -12.95 29.46 46.30
CA GLY A 15 -13.86 28.52 45.66
C GLY A 15 -13.69 28.48 44.16
N LYS A 16 -13.64 29.69 43.53
CA LYS A 16 -13.40 29.88 42.08
C LYS A 16 -12.04 29.32 41.68
N GLU A 17 -11.01 29.51 42.54
CA GLU A 17 -9.67 28.98 42.26
C GLU A 17 -9.71 27.43 42.28
N VAL A 18 -10.43 26.82 43.25
CA VAL A 18 -10.56 25.35 43.40
C VAL A 18 -11.35 24.76 42.24
N GLU A 19 -12.42 25.48 41.75
CA GLU A 19 -13.23 25.05 40.61
C GLU A 19 -12.46 25.10 39.32
N ASN A 20 -11.69 26.16 39.11
CA ASN A 20 -10.90 26.27 37.89
C ASN A 20 -9.87 25.15 37.89
N PHE A 21 -9.28 24.86 39.07
CA PHE A 21 -8.30 23.76 39.16
C PHE A 21 -8.90 22.44 38.69
N GLU A 22 -10.06 22.07 39.25
CA GLU A 22 -10.79 20.82 38.98
C GLU A 22 -11.15 20.65 37.49
N LYS A 23 -11.64 21.71 36.87
CA LYS A 23 -12.02 21.68 35.45
C LYS A 23 -10.77 21.43 34.60
N ASN A 24 -9.66 22.09 34.95
CA ASN A 24 -8.38 21.93 34.28
C ASN A 24 -7.75 20.54 34.50
N LEU A 25 -7.95 19.93 35.69
CA LEU A 25 -7.46 18.58 35.99
C LEU A 25 -8.23 17.59 35.14
N GLU A 26 -9.55 17.80 34.99
CA GLU A 26 -10.41 16.94 34.19
C GLU A 26 -9.96 16.92 32.74
N GLU A 27 -9.61 18.10 32.18
CA GLU A 27 -9.11 18.26 30.80
C GLU A 27 -7.79 17.51 30.65
N CYS A 28 -6.93 17.61 31.68
CA CYS A 28 -5.63 16.95 31.74
C CYS A 28 -5.80 15.45 31.66
N ILE A 29 -6.64 14.86 32.58
CA ILE A 29 -6.92 13.42 32.61
C ILE A 29 -7.47 12.95 31.26
N THR A 30 -8.45 13.68 30.69
CA THR A 30 -9.05 13.36 29.38
C THR A 30 -7.99 13.29 28.27
N ARG A 31 -7.14 14.34 28.16
CA ARG A 31 -6.06 14.43 27.19
C ARG A 31 -5.02 13.33 27.34
N ILE A 32 -4.70 12.95 28.59
CA ILE A 32 -3.75 11.88 28.93
C ILE A 32 -4.33 10.51 28.52
N THR A 33 -5.60 10.27 28.87
CA THR A 33 -6.31 9.02 28.57
C THR A 33 -6.36 8.78 27.06
N ASN A 34 -6.68 9.84 26.27
CA ASN A 34 -6.75 9.77 24.80
C ASN A 34 -5.38 9.45 24.16
N THR A 35 -4.32 10.04 24.73
CA THR A 35 -2.93 9.86 24.36
C THR A 35 -2.48 8.41 24.64
N GLU A 36 -2.87 7.85 25.80
CA GLU A 36 -2.52 6.49 26.23
C GLU A 36 -3.13 5.43 25.30
N LYS A 37 -4.35 5.69 24.79
CA LYS A 37 -5.07 4.81 23.85
C LYS A 37 -4.31 4.67 22.52
N CYS A 38 -3.77 5.79 22.03
CA CYS A 38 -3.02 5.84 20.78
C CYS A 38 -1.69 5.14 20.88
N LEU A 39 -0.96 5.31 22.01
CA LEU A 39 0.33 4.67 22.21
C LEU A 39 0.20 3.15 22.27
N LYS A 40 -0.89 2.63 22.90
CA LYS A 40 -1.20 1.20 22.98
C LYS A 40 -1.38 0.63 21.57
N GLU A 41 -2.03 1.42 20.69
CA GLU A 41 -2.27 1.12 19.29
C GLU A 41 -0.95 1.13 18.49
N LEU A 42 -0.08 2.14 18.75
CA LEU A 42 1.20 2.27 18.06
C LEU A 42 2.29 1.29 18.54
N MET A 43 2.08 0.65 19.70
CA MET A 43 3.04 -0.33 20.24
C MET A 43 3.10 -1.59 19.39
N GLU A 44 1.99 -1.87 18.67
CA GLU A 44 1.84 -3.01 17.75
C GLU A 44 2.81 -2.87 16.57
N LEU A 45 3.11 -1.62 16.16
CA LEU A 45 4.01 -1.34 15.06
C LEU A 45 5.43 -1.82 15.33
N LYS A 46 5.85 -1.89 16.62
CA LYS A 46 7.17 -2.39 17.03
C LYS A 46 7.34 -3.86 16.58
N THR A 47 6.28 -4.68 16.80
CA THR A 47 6.22 -6.09 16.41
C THR A 47 6.07 -6.23 14.90
N LYS A 48 5.21 -5.39 14.27
CA LYS A 48 5.01 -5.43 12.83
C LYS A 48 6.29 -5.11 12.05
N ALA A 49 7.13 -4.20 12.58
CA ALA A 49 8.41 -3.81 11.99
C ALA A 49 9.41 -4.95 12.10
N ARG A 50 9.35 -5.72 13.20
CA ARG A 50 10.22 -6.88 13.44
C ARG A 50 9.90 -7.99 12.42
N GLU A 51 8.60 -8.20 12.15
CA GLU A 51 8.08 -9.17 11.19
C GLU A 51 8.51 -8.82 9.79
N LEU A 52 8.40 -7.52 9.42
CA LEU A 52 8.80 -7.02 8.09
C LEU A 52 10.30 -7.13 7.86
N ARG A 53 11.11 -6.96 8.93
CA ARG A 53 12.55 -7.08 8.86
C ARG A 53 12.93 -8.54 8.47
N GLU A 54 12.23 -9.51 9.08
CA GLU A 54 12.42 -10.93 8.86
C GLU A 54 11.89 -11.35 7.47
N GLU A 55 10.77 -10.74 7.03
CA GLU A 55 10.20 -10.98 5.71
C GLU A 55 11.22 -10.60 4.61
N CYS A 56 11.94 -9.46 4.79
CA CYS A 56 12.98 -8.97 3.86
C CYS A 56 14.20 -9.86 3.89
N ARG A 57 14.58 -10.34 5.09
CA ARG A 57 15.73 -11.21 5.29
C ARG A 57 15.52 -12.53 4.48
N SER A 58 14.28 -13.07 4.55
CA SER A 58 13.84 -14.25 3.81
C SER A 58 13.90 -14.02 2.28
N LEU A 59 13.37 -12.87 1.80
CA LEU A 59 13.37 -12.51 0.38
C LEU A 59 14.77 -12.28 -0.15
N ARG A 60 15.66 -11.75 0.66
CA ARG A 60 17.05 -11.57 0.21
C ARG A 60 17.74 -12.91 0.00
N SER A 61 17.47 -13.91 0.86
CA SER A 61 18.08 -15.23 0.69
C SER A 61 17.46 -15.97 -0.55
N ARG A 62 16.17 -15.72 -0.84
CA ARG A 62 15.48 -16.28 -2.00
C ARG A 62 16.07 -15.71 -3.28
N CYS A 63 16.37 -14.40 -3.28
CA CYS A 63 17.03 -13.76 -4.42
C CYS A 63 18.46 -14.26 -4.58
N ASP A 64 19.20 -14.46 -3.46
CA ASP A 64 20.57 -14.97 -3.48
C ASP A 64 20.60 -16.31 -4.22
N GLN A 65 19.67 -17.22 -3.85
CA GLN A 65 19.52 -18.55 -4.44
C GLN A 65 19.12 -18.49 -5.90
N LEU A 66 18.14 -17.63 -6.26
CA LEU A 66 17.72 -17.45 -7.66
C LEU A 66 18.87 -16.95 -8.52
N GLU A 67 19.65 -15.98 -8.02
CA GLU A 67 20.78 -15.44 -8.78
C GLU A 67 21.83 -16.52 -9.08
N GLU A 68 22.15 -17.40 -8.09
CA GLU A 68 23.05 -18.55 -8.27
C GLU A 68 22.50 -19.52 -9.35
N ARG A 69 21.23 -19.87 -9.24
CA ARG A 69 20.56 -20.78 -10.18
C ARG A 69 20.51 -20.23 -11.61
N VAL A 70 20.20 -18.92 -11.77
CA VAL A 70 20.15 -18.26 -13.07
C VAL A 70 21.54 -18.17 -13.69
N SER A 71 22.56 -17.89 -12.87
CA SER A 71 23.95 -17.84 -13.34
C SER A 71 24.40 -19.19 -13.84
N ALA A 72 24.04 -20.28 -13.13
CA ALA A 72 24.37 -21.66 -13.52
C ALA A 72 23.65 -22.02 -14.83
N ALA A 73 22.36 -21.61 -14.97
CA ALA A 73 21.59 -21.84 -16.18
C ALA A 73 22.21 -21.10 -17.37
N GLU A 74 22.61 -19.83 -17.16
CA GLU A 74 23.25 -18.99 -18.19
C GLU A 74 24.55 -19.65 -18.68
N ASP A 75 25.38 -20.16 -17.73
CA ASP A 75 26.64 -20.84 -18.05
C ASP A 75 26.41 -22.10 -18.88
N GLU A 76 25.34 -22.88 -18.54
CA GLU A 76 24.96 -24.09 -19.26
C GLU A 76 24.53 -23.76 -20.67
N ILE A 77 23.69 -22.71 -20.84
CA ILE A 77 23.23 -22.23 -22.16
C ILE A 77 24.43 -21.83 -23.04
N ASN A 78 25.40 -21.12 -22.47
CA ASN A 78 26.59 -20.68 -23.22
C ASN A 78 27.43 -21.86 -23.74
N GLU A 79 27.59 -22.90 -22.91
CA GLU A 79 28.30 -24.13 -23.25
C GLU A 79 27.55 -24.88 -24.37
N ILE A 80 26.20 -25.03 -24.24
CA ILE A 80 25.33 -25.68 -25.22
C ILE A 80 25.44 -24.98 -26.59
N LYS A 81 25.49 -23.64 -26.59
CA LYS A 81 25.60 -22.85 -27.80
C LYS A 81 26.93 -23.09 -28.48
N ARG A 82 28.01 -23.20 -27.69
CA ARG A 82 29.36 -23.47 -28.16
C ARG A 82 29.39 -24.85 -28.80
N GLU A 83 28.89 -25.86 -28.10
CA GLU A 83 28.82 -27.25 -28.61
C GLU A 83 28.01 -27.35 -29.92
N GLY A 84 26.87 -26.65 -30.00
CA GLY A 84 26.04 -26.61 -31.21
C GLY A 84 26.75 -25.95 -32.40
N LYS A 85 27.53 -24.90 -32.13
CA LYS A 85 28.33 -24.22 -33.14
C LYS A 85 29.39 -25.18 -33.71
N PHE A 86 30.00 -26.00 -32.82
CA PHE A 86 31.02 -26.98 -33.18
C PHE A 86 30.42 -28.10 -34.01
N ARG A 87 29.24 -28.57 -33.62
CA ARG A 87 28.51 -29.64 -34.32
C ARG A 87 28.03 -29.18 -35.72
N GLU A 88 27.66 -27.89 -35.85
CA GLU A 88 27.23 -27.29 -37.10
C GLU A 88 28.38 -27.33 -38.13
N LYS A 89 29.62 -27.10 -37.66
CA LYS A 89 30.81 -27.14 -38.50
C LYS A 89 30.98 -28.55 -39.08
N ARG A 90 30.77 -29.57 -38.22
CA ARG A 90 30.89 -30.98 -38.53
C ARG A 90 29.80 -31.48 -39.50
N ILE A 91 28.52 -31.12 -39.26
CA ILE A 91 27.39 -31.44 -40.16
C ILE A 91 27.67 -30.83 -41.56
N LYS A 92 28.11 -29.55 -41.62
CA LYS A 92 28.42 -28.90 -42.91
C LYS A 92 29.55 -29.63 -43.66
N ARG A 93 30.60 -30.07 -42.95
CA ARG A 93 31.72 -30.85 -43.52
C ARG A 93 31.19 -32.17 -44.11
N ASN A 94 30.29 -32.87 -43.36
CA ASN A 94 29.68 -34.13 -43.79
C ASN A 94 28.82 -33.94 -45.03
N GLU A 95 28.07 -32.83 -45.10
CA GLU A 95 27.25 -32.45 -46.26
C GLU A 95 28.14 -32.25 -47.50
N GLN A 96 29.30 -31.56 -47.32
CA GLN A 96 30.26 -31.30 -48.40
C GLN A 96 30.92 -32.57 -48.87
N SER A 97 31.25 -33.50 -47.92
CA SER A 97 31.86 -34.80 -48.24
C SER A 97 30.92 -35.63 -49.08
N LEU A 98 29.61 -35.65 -48.74
CA LEU A 98 28.60 -36.36 -49.50
C LEU A 98 28.44 -35.79 -50.90
N GLN A 99 28.38 -34.45 -51.02
CA GLN A 99 28.26 -33.79 -52.32
C GLN A 99 29.43 -34.16 -53.23
N GLU A 100 30.66 -34.26 -52.64
CA GLU A 100 31.89 -34.63 -53.35
C GLU A 100 31.83 -36.07 -53.86
N ILE A 101 31.17 -36.98 -53.11
CA ILE A 101 30.93 -38.35 -53.53
C ILE A 101 29.97 -38.35 -54.73
N TRP A 102 28.83 -37.64 -54.65
CA TRP A 102 27.86 -37.59 -55.75
C TRP A 102 28.43 -36.94 -57.02
N ASP A 103 29.34 -35.95 -56.87
CA ASP A 103 29.95 -35.22 -58.00
C ASP A 103 31.17 -35.93 -58.58
N TYR A 104 31.61 -37.00 -57.90
CA TYR A 104 32.72 -37.84 -58.34
C TYR A 104 32.30 -38.65 -59.62
N SER B 5 -6.49 36.51 62.96
CA SER B 5 -7.31 35.31 62.80
C SER B 5 -6.48 34.17 62.23
N GLU B 6 -6.58 32.97 62.84
CA GLU B 6 -5.87 31.78 62.37
C GLU B 6 -6.54 31.19 61.14
N LEU B 7 -7.90 31.18 61.13
CA LEU B 7 -8.70 30.60 60.04
C LEU B 7 -8.55 31.35 58.71
N ARG B 8 -8.54 32.71 58.75
CA ARG B 8 -8.38 33.57 57.55
C ARG B 8 -6.99 33.36 56.90
N GLU B 9 -5.99 33.02 57.73
CA GLU B 9 -4.61 32.75 57.29
C GLU B 9 -4.50 31.41 56.56
N ASP B 10 -5.17 30.33 57.09
CA ASP B 10 -5.16 28.99 56.46
C ASP B 10 -5.96 29.00 55.18
N ILE B 11 -7.06 29.79 55.14
CA ILE B 11 -7.91 29.95 53.95
C ILE B 11 -7.12 30.59 52.81
N GLN B 12 -6.24 31.56 53.13
CA GLN B 12 -5.40 32.22 52.14
C GLN B 12 -4.18 31.34 51.73
N THR B 13 -3.61 30.56 52.70
CA THR B 13 -2.48 29.64 52.48
C THR B 13 -2.89 28.45 51.59
N LYS B 14 -4.07 27.84 51.86
CA LYS B 14 -4.59 26.72 51.04
C LYS B 14 -5.02 27.25 49.65
N GLY B 15 -5.35 28.54 49.59
CA GLY B 15 -5.65 29.26 48.34
C GLY B 15 -4.37 29.46 47.53
N LYS B 16 -3.26 29.83 48.22
CA LYS B 16 -1.91 29.97 47.64
C LYS B 16 -1.46 28.60 47.06
N GLU B 17 -1.70 27.52 47.83
CA GLU B 17 -1.35 26.14 47.46
C GLU B 17 -2.00 25.73 46.14
N VAL B 18 -3.31 26.03 45.95
CA VAL B 18 -4.09 25.73 44.75
C VAL B 18 -3.56 26.50 43.52
N GLU B 19 -3.06 27.74 43.71
CA GLU B 19 -2.47 28.57 42.64
C GLU B 19 -1.15 27.95 42.15
N ASN B 20 -0.40 27.35 43.10
CA ASN B 20 0.86 26.66 42.81
C ASN B 20 0.57 25.38 42.03
N PHE B 21 -0.53 24.68 42.37
CA PHE B 21 -0.96 23.46 41.67
C PHE B 21 -1.43 23.79 40.24
N GLU B 22 -2.08 24.96 40.07
CA GLU B 22 -2.60 25.46 38.79
C GLU B 22 -1.49 25.71 37.80
N LYS B 23 -0.35 26.23 38.31
CA LYS B 23 0.88 26.51 37.55
C LYS B 23 1.46 25.17 37.05
N ASN B 24 1.52 24.15 37.94
CA ASN B 24 2.00 22.80 37.62
C ASN B 24 1.10 22.14 36.59
N LEU B 25 -0.22 22.35 36.72
CA LEU B 25 -1.22 21.83 35.80
C LEU B 25 -1.01 22.41 34.39
N GLU B 26 -0.62 23.69 34.32
CA GLU B 26 -0.35 24.37 33.05
C GLU B 26 0.90 23.81 32.36
N GLU B 27 1.93 23.43 33.15
CA GLU B 27 3.17 22.77 32.67
C GLU B 27 2.78 21.39 32.07
N CYS B 28 1.84 20.70 32.75
CA CYS B 28 1.32 19.41 32.33
C CYS B 28 0.60 19.54 31.00
N ILE B 29 -0.40 20.43 30.92
CA ILE B 29 -1.13 20.67 29.68
C ILE B 29 -0.16 20.97 28.50
N THR B 30 0.92 21.76 28.71
CA THR B 30 1.92 22.03 27.66
C THR B 30 2.67 20.74 27.24
N ARG B 31 3.11 19.92 28.22
CA ARG B 31 3.74 18.62 27.99
C ARG B 31 2.81 17.60 27.25
N ILE B 32 1.48 17.67 27.49
CA ILE B 32 0.52 16.79 26.81
C ILE B 32 0.28 17.26 25.37
N THR B 33 0.25 18.60 25.14
CA THR B 33 0.08 19.19 23.80
C THR B 33 1.24 18.75 22.91
N ASN B 34 2.51 18.80 23.45
CA ASN B 34 3.73 18.40 22.72
C ASN B 34 3.69 16.92 22.37
N THR B 35 3.16 16.08 23.29
CA THR B 35 2.99 14.65 23.13
C THR B 35 1.94 14.35 22.02
N GLU B 36 0.81 15.10 22.02
CA GLU B 36 -0.29 14.96 21.04
C GLU B 36 0.17 15.23 19.60
N LYS B 37 1.10 16.20 19.44
CA LYS B 37 1.70 16.57 18.14
C LYS B 37 2.53 15.40 17.58
N CYS B 38 3.27 14.71 18.45
CA CYS B 38 4.10 13.56 18.10
C CYS B 38 3.29 12.34 17.69
N LEU B 39 2.16 12.07 18.38
CA LEU B 39 1.30 10.94 18.03
C LEU B 39 0.66 11.13 16.65
N LYS B 40 0.28 12.37 16.31
CA LYS B 40 -0.28 12.73 14.99
C LYS B 40 0.77 12.42 13.87
N GLU B 41 2.04 12.66 14.19
CA GLU B 41 3.20 12.40 13.33
C GLU B 41 3.43 10.88 13.22
N LEU B 42 3.33 10.15 14.34
CA LEU B 42 3.55 8.70 14.35
C LEU B 42 2.35 7.89 13.78
N MET B 43 1.20 8.54 13.56
CA MET B 43 0.00 7.88 12.99
C MET B 43 0.24 7.51 11.53
N GLU B 44 1.15 8.24 10.87
CA GLU B 44 1.56 8.04 9.48
C GLU B 44 2.28 6.69 9.31
N LEU B 45 2.99 6.25 10.35
CA LEU B 45 3.70 4.96 10.36
C LEU B 45 2.75 3.77 10.22
N LYS B 46 1.49 3.91 10.68
CA LYS B 46 0.47 2.87 10.58
C LYS B 46 0.22 2.55 9.09
N THR B 47 0.09 3.60 8.25
CA THR B 47 -0.10 3.52 6.81
C THR B 47 1.18 3.01 6.12
N LYS B 48 2.36 3.54 6.53
CA LYS B 48 3.64 3.13 5.97
C LYS B 48 3.94 1.64 6.19
N ALA B 49 3.53 1.09 7.35
CA ALA B 49 3.69 -0.33 7.67
C ALA B 49 2.77 -1.21 6.82
N ARG B 50 1.56 -0.68 6.50
CA ARG B 50 0.58 -1.36 5.66
C ARG B 50 1.10 -1.48 4.23
N GLU B 51 1.75 -0.39 3.72
CA GLU B 51 2.37 -0.30 2.40
C GLU B 51 3.52 -1.29 2.29
N LEU B 52 4.36 -1.37 3.34
CA LEU B 52 5.51 -2.30 3.39
C LEU B 52 5.06 -3.76 3.43
N ARG B 53 3.93 -4.04 4.09
CA ARG B 53 3.36 -5.40 4.16
C ARG B 53 2.99 -5.87 2.75
N GLU B 54 2.38 -4.96 1.96
CA GLU B 54 1.94 -5.19 0.59
C GLU B 54 3.13 -5.31 -0.35
N GLU B 55 4.18 -4.50 -0.13
CA GLU B 55 5.41 -4.53 -0.91
C GLU B 55 6.07 -5.89 -0.81
N CYS B 56 6.09 -6.48 0.42
CA CYS B 56 6.64 -7.82 0.67
C CYS B 56 5.77 -8.94 0.08
N ARG B 57 4.45 -8.76 0.14
CA ARG B 57 3.47 -9.70 -0.41
C ARG B 57 3.69 -9.83 -1.94
N SER B 58 3.94 -8.67 -2.61
CA SER B 58 4.21 -8.58 -4.03
C SER B 58 5.53 -9.26 -4.41
N LEU B 59 6.61 -8.99 -3.62
CA LEU B 59 7.94 -9.57 -3.85
C LEU B 59 7.94 -11.08 -3.66
N ARG B 60 7.14 -11.59 -2.70
CA ARG B 60 7.01 -13.03 -2.49
C ARG B 60 6.36 -13.72 -3.69
N SER B 61 5.34 -13.09 -4.30
CA SER B 61 4.69 -13.67 -5.48
C SER B 61 5.63 -13.62 -6.72
N ARG B 62 6.47 -12.55 -6.82
CA ARG B 62 7.47 -12.42 -7.88
C ARG B 62 8.53 -13.53 -7.77
N CYS B 63 8.95 -13.85 -6.53
CA CYS B 63 9.89 -14.95 -6.28
C CYS B 63 9.27 -16.31 -6.59
N ASP B 64 7.97 -16.52 -6.23
CA ASP B 64 7.24 -17.76 -6.51
C ASP B 64 7.28 -18.04 -7.98
N GLN B 65 6.94 -17.04 -8.79
CA GLN B 65 6.92 -17.10 -10.25
C GLN B 65 8.32 -17.34 -10.84
N LEU B 66 9.34 -16.62 -10.35
CA LEU B 66 10.72 -16.82 -10.79
C LEU B 66 11.22 -18.23 -10.50
N GLU B 67 10.92 -18.77 -9.32
CA GLU B 67 11.35 -20.11 -8.97
C GLU B 67 10.76 -21.18 -9.91
N GLU B 68 9.45 -21.04 -10.26
CA GLU B 68 8.78 -21.94 -11.22
C GLU B 68 9.47 -21.85 -12.58
N ARG B 69 9.69 -20.61 -13.08
CA ARG B 69 10.32 -20.37 -14.38
C ARG B 69 11.74 -20.91 -14.45
N VAL B 70 12.53 -20.71 -13.39
CA VAL B 70 13.93 -21.20 -13.32
C VAL B 70 13.94 -22.75 -13.30
N SER B 71 13.04 -23.37 -12.54
CA SER B 71 12.94 -24.84 -12.49
C SER B 71 12.60 -25.42 -13.87
N ALA B 72 11.67 -24.78 -14.59
CA ALA B 72 11.25 -25.18 -15.93
C ALA B 72 12.44 -25.01 -16.92
N ALA B 73 13.20 -23.91 -16.81
CA ALA B 73 14.38 -23.65 -17.62
C ALA B 73 15.43 -24.71 -17.38
N GLU B 74 15.69 -25.04 -16.08
CA GLU B 74 16.66 -26.06 -15.68
C GLU B 74 16.33 -27.41 -16.30
N ASP B 75 15.04 -27.80 -16.27
CA ASP B 75 14.53 -29.05 -16.85
C ASP B 75 14.75 -29.09 -18.35
N GLU B 76 14.47 -27.96 -19.05
CA GLU B 76 14.68 -27.82 -20.50
C GLU B 76 16.14 -27.96 -20.87
N ILE B 77 17.05 -27.31 -20.11
CA ILE B 77 18.49 -27.41 -20.33
C ILE B 77 18.99 -28.88 -20.18
N ASN B 78 18.51 -29.59 -19.16
CA ASN B 78 18.91 -30.97 -18.95
C ASN B 78 18.52 -31.90 -20.11
N GLU B 79 17.32 -31.67 -20.67
CA GLU B 79 16.79 -32.42 -21.80
C GLU B 79 17.62 -32.11 -23.05
N ILE B 80 17.90 -30.81 -23.32
CA ILE B 80 18.73 -30.35 -24.45
C ILE B 80 20.12 -30.99 -24.42
N LYS B 81 20.74 -31.05 -23.23
CA LYS B 81 22.06 -31.68 -23.03
C LYS B 81 22.03 -33.16 -23.38
N ARG B 82 21.03 -33.87 -22.91
CA ARG B 82 20.79 -35.28 -23.18
C ARG B 82 20.61 -35.53 -24.70
N GLU B 83 19.77 -34.71 -25.39
CA GLU B 83 19.57 -34.79 -26.87
C GLU B 83 20.87 -34.52 -27.66
N GLY B 84 21.69 -33.59 -27.18
CA GLY B 84 22.97 -33.25 -27.80
C GLY B 84 23.96 -34.40 -27.76
N LYS B 85 23.94 -35.17 -26.66
CA LYS B 85 24.78 -36.36 -26.50
C LYS B 85 24.46 -37.40 -27.58
N PHE B 86 23.18 -37.55 -27.91
CA PHE B 86 22.70 -38.49 -28.92
C PHE B 86 22.96 -38.02 -30.34
N ARG B 87 22.88 -36.72 -30.56
CA ARG B 87 23.17 -36.13 -31.86
C ARG B 87 24.66 -36.24 -32.15
N GLU B 88 25.51 -36.01 -31.13
CA GLU B 88 26.96 -36.13 -31.23
C GLU B 88 27.34 -37.55 -31.69
N LYS B 89 26.70 -38.59 -31.10
CA LYS B 89 26.92 -40.00 -31.42
C LYS B 89 26.68 -40.25 -32.92
N ARG B 90 25.59 -39.67 -33.46
CA ARG B 90 25.18 -39.74 -34.84
C ARG B 90 26.11 -39.03 -35.81
N ILE B 91 26.56 -37.79 -35.46
CA ILE B 91 27.54 -37.06 -36.27
C ILE B 91 28.84 -37.89 -36.34
N LYS B 92 29.32 -38.36 -35.18
CA LYS B 92 30.55 -39.15 -35.14
C LYS B 92 30.49 -40.40 -36.04
N ARG B 93 29.34 -41.11 -36.04
CA ARG B 93 29.08 -42.29 -36.89
C ARG B 93 29.17 -41.89 -38.36
N ASN B 94 28.53 -40.78 -38.75
CA ASN B 94 28.56 -40.24 -40.11
C ASN B 94 29.94 -39.88 -40.55
N GLU B 95 30.74 -39.27 -39.66
CA GLU B 95 32.15 -38.92 -39.92
C GLU B 95 32.97 -40.17 -40.17
N GLN B 96 32.74 -41.25 -39.35
CA GLN B 96 33.44 -42.52 -39.50
C GLN B 96 33.09 -43.20 -40.82
N SER B 97 31.80 -43.17 -41.21
CA SER B 97 31.34 -43.74 -42.47
C SER B 97 32.03 -43.04 -43.63
N LEU B 98 32.12 -41.69 -43.60
CA LEU B 98 32.76 -40.91 -44.65
C LEU B 98 34.24 -41.15 -44.75
N GLN B 99 34.94 -41.27 -43.60
CA GLN B 99 36.36 -41.58 -43.59
C GLN B 99 36.58 -42.95 -44.21
N GLU B 100 35.70 -43.92 -43.93
CA GLU B 100 35.80 -45.25 -44.54
C GLU B 100 35.62 -45.25 -46.06
N ILE B 101 34.67 -44.41 -46.55
CA ILE B 101 34.40 -44.24 -47.99
C ILE B 101 35.63 -43.64 -48.67
N TRP B 102 36.17 -42.55 -48.12
CA TRP B 102 37.29 -41.79 -48.68
C TRP B 102 38.63 -42.47 -48.52
N ASP B 103 38.73 -43.43 -47.60
CA ASP B 103 39.96 -44.21 -47.43
C ASP B 103 39.99 -45.41 -48.36
N TYR B 104 38.80 -45.89 -48.77
CA TYR B 104 38.58 -47.05 -49.61
C TYR B 104 39.17 -46.83 -51.00
N GLY C 15 -3.93 19.11 55.71
CA GLY C 15 -4.96 19.40 54.72
C GLY C 15 -5.58 18.16 54.11
N LYS C 16 -6.93 18.17 53.93
CA LYS C 16 -7.71 17.04 53.37
C LYS C 16 -7.89 17.14 51.85
N GLU C 17 -8.28 18.33 51.33
CA GLU C 17 -8.48 18.53 49.88
C GLU C 17 -7.17 18.82 49.12
N VAL C 18 -6.19 19.47 49.79
CA VAL C 18 -4.86 19.74 49.21
C VAL C 18 -4.10 18.40 48.96
N GLU C 19 -4.26 17.40 49.89
CA GLU C 19 -3.69 16.06 49.77
C GLU C 19 -4.29 15.34 48.57
N ASN C 20 -5.58 15.59 48.26
CA ASN C 20 -6.31 14.99 47.15
C ASN C 20 -5.78 15.54 45.81
N PHE C 21 -5.39 16.81 45.77
CA PHE C 21 -4.87 17.43 44.54
C PHE C 21 -3.45 17.01 44.24
N GLU C 22 -2.57 17.05 45.27
CA GLU C 22 -1.18 16.60 45.20
C GLU C 22 -1.10 15.17 44.64
N LYS C 23 -2.03 14.27 45.10
CA LYS C 23 -2.11 12.87 44.63
C LYS C 23 -2.46 12.82 43.14
N ASN C 24 -3.50 13.57 42.71
CA ASN C 24 -3.98 13.63 41.32
C ASN C 24 -2.94 14.23 40.39
N LEU C 25 -2.20 15.24 40.88
CA LEU C 25 -1.15 15.89 40.10
C LEU C 25 0.04 14.97 39.93
N GLU C 26 0.37 14.19 40.99
CA GLU C 26 1.48 13.23 40.98
C GLU C 26 1.19 12.14 39.97
N GLU C 27 -0.09 11.64 39.92
CA GLU C 27 -0.57 10.62 38.97
C GLU C 27 -0.45 11.17 37.56
N CYS C 28 -0.81 12.46 37.37
CA CYS C 28 -0.73 13.14 36.10
C CYS C 28 0.68 13.21 35.59
N ILE C 29 1.63 13.71 36.41
CA ILE C 29 3.05 13.80 36.05
C ILE C 29 3.59 12.42 35.67
N THR C 30 3.29 11.38 36.50
CA THR C 30 3.71 9.99 36.28
C THR C 30 3.20 9.46 34.93
N ARG C 31 1.87 9.61 34.66
CA ARG C 31 1.24 9.18 33.41
C ARG C 31 1.81 9.90 32.17
N ILE C 32 2.15 11.20 32.31
CA ILE C 32 2.74 12.01 31.24
C ILE C 32 4.19 11.55 30.96
N THR C 33 4.99 11.35 32.03
CA THR C 33 6.37 10.89 31.96
C THR C 33 6.45 9.52 31.24
N ASN C 34 5.53 8.58 31.59
CA ASN C 34 5.44 7.24 31.00
C ASN C 34 5.09 7.30 29.53
N THR C 35 4.21 8.25 29.15
CA THR C 35 3.79 8.51 27.77
C THR C 35 4.97 9.04 26.93
N GLU C 36 5.75 10.00 27.50
CA GLU C 36 6.90 10.63 26.85
C GLU C 36 8.01 9.61 26.53
N LYS C 37 8.18 8.60 27.42
CA LYS C 37 9.16 7.51 27.27
C LYS C 37 8.80 6.63 26.08
N CYS C 38 7.49 6.37 25.89
CA CYS C 38 6.97 5.56 24.79
C CYS C 38 7.15 6.25 23.46
N LEU C 39 6.89 7.57 23.37
CA LEU C 39 7.05 8.32 22.12
C LEU C 39 8.49 8.33 21.66
N LYS C 40 9.45 8.48 22.61
CA LYS C 40 10.90 8.45 22.34
C LYS C 40 11.28 7.08 21.74
N GLU C 41 10.64 5.99 22.24
CA GLU C 41 10.81 4.61 21.81
C GLU C 41 10.20 4.42 20.41
N LEU C 42 9.01 5.01 20.17
CA LEU C 42 8.31 4.90 18.88
C LEU C 42 8.90 5.78 17.79
N MET C 43 9.77 6.75 18.15
CA MET C 43 10.42 7.62 17.17
C MET C 43 11.44 6.84 16.34
N GLU C 44 11.96 5.73 16.91
CA GLU C 44 12.93 4.83 16.27
C GLU C 44 12.29 4.11 15.09
N LEU C 45 10.97 3.86 15.16
CA LEU C 45 10.22 3.20 14.10
C LEU C 45 10.19 4.01 12.83
N LYS C 46 10.30 5.36 12.93
CA LYS C 46 10.37 6.26 11.78
C LYS C 46 11.61 5.93 10.91
N THR C 47 12.77 5.70 11.56
CA THR C 47 14.03 5.32 10.92
C THR C 47 13.96 3.85 10.42
N LYS C 48 13.41 2.95 11.23
CA LYS C 48 13.28 1.54 10.85
C LYS C 48 12.38 1.35 9.63
N ALA C 49 11.34 2.21 9.48
CA ALA C 49 10.42 2.18 8.33
C ALA C 49 11.10 2.67 7.09
N ARG C 50 12.02 3.66 7.24
CA ARG C 50 12.83 4.23 6.14
C ARG C 50 13.77 3.15 5.58
N GLU C 51 14.41 2.38 6.48
CA GLU C 51 15.32 1.27 6.18
C GLU C 51 14.58 0.16 5.43
N LEU C 52 13.37 -0.22 5.91
CA LEU C 52 12.54 -1.24 5.26
C LEU C 52 12.07 -0.82 3.87
N ARG C 53 11.79 0.49 3.69
CA ARG C 53 11.39 1.03 2.39
C ARG C 53 12.51 0.82 1.36
N GLU C 54 13.77 1.06 1.80
CA GLU C 54 14.98 0.87 0.98
C GLU C 54 15.28 -0.61 0.72
N GLU C 55 15.05 -1.46 1.72
CA GLU C 55 15.20 -2.91 1.60
C GLU C 55 14.30 -3.48 0.50
N CYS C 56 13.04 -2.98 0.42
CA CYS C 56 12.06 -3.35 -0.61
C CYS C 56 12.44 -2.80 -1.97
N ARG C 57 12.98 -1.55 -2.01
CA ARG C 57 13.42 -0.89 -3.25
C ARG C 57 14.52 -1.72 -3.90
N SER C 58 15.45 -2.23 -3.07
CA SER C 58 16.57 -3.08 -3.47
C SER C 58 16.09 -4.43 -4.00
N LEU C 59 15.15 -5.09 -3.30
CA LEU C 59 14.58 -6.38 -3.70
C LEU C 59 13.78 -6.26 -4.99
N ARG C 60 13.06 -5.13 -5.19
CA ARG C 60 12.33 -4.91 -6.44
C ARG C 60 13.28 -4.82 -7.63
N SER C 61 14.45 -4.15 -7.47
CA SER C 61 15.41 -4.05 -8.56
C SER C 61 16.08 -5.40 -8.82
N ARG C 62 16.28 -6.23 -7.77
CA ARG C 62 16.84 -7.57 -7.88
C ARG C 62 15.87 -8.49 -8.66
N CYS C 63 14.57 -8.35 -8.41
CA CYS C 63 13.56 -9.08 -9.17
C CYS C 63 13.45 -8.59 -10.58
N ASP C 64 13.57 -7.27 -10.81
CA ASP C 64 13.54 -6.67 -12.16
C ASP C 64 14.64 -7.29 -13.02
N GLN C 65 15.87 -7.38 -12.45
CA GLN C 65 17.06 -7.96 -13.09
C GLN C 65 16.90 -9.44 -13.35
N LEU C 66 16.38 -10.21 -12.35
CA LEU C 66 16.15 -11.64 -12.50
C LEU C 66 15.15 -11.92 -13.58
N GLU C 67 14.05 -11.13 -13.63
CA GLU C 67 13.03 -11.32 -14.66
C GLU C 67 13.59 -11.13 -16.07
N GLU C 68 14.45 -10.10 -16.28
CA GLU C 68 15.12 -9.84 -17.57
C GLU C 68 16.00 -11.04 -17.94
N ARG C 69 16.84 -11.50 -17.00
CA ARG C 69 17.73 -12.63 -17.19
C ARG C 69 17.02 -13.93 -17.50
N VAL C 70 15.93 -14.23 -16.78
CA VAL C 70 15.12 -15.45 -17.00
C VAL C 70 14.42 -15.38 -18.37
N SER C 71 13.91 -14.21 -18.76
CA SER C 71 13.26 -14.03 -20.06
C SER C 71 14.25 -14.26 -21.19
N ALA C 72 15.50 -13.75 -21.04
CA ALA C 72 16.58 -13.89 -22.00
C ALA C 72 16.99 -15.34 -22.08
N ALA C 73 17.08 -16.04 -20.92
CA ALA C 73 17.42 -17.49 -20.87
C ALA C 73 16.35 -18.31 -21.56
N GLU C 74 15.06 -18.00 -21.32
CA GLU C 74 13.94 -18.68 -21.96
C GLU C 74 14.02 -18.57 -23.49
N ASP C 75 14.33 -17.35 -23.99
CA ASP C 75 14.47 -17.05 -25.42
C ASP C 75 15.62 -17.82 -26.01
N GLU C 76 16.77 -17.90 -25.29
CA GLU C 76 17.94 -18.67 -25.71
C GLU C 76 17.64 -20.15 -25.83
N ILE C 77 16.91 -20.72 -24.84
CA ILE C 77 16.48 -22.13 -24.84
C ILE C 77 15.59 -22.42 -26.08
N ASN C 78 14.66 -21.52 -26.39
CA ASN C 78 13.76 -21.69 -27.53
C ASN C 78 14.50 -21.71 -28.86
N GLU C 79 15.52 -20.83 -28.99
CA GLU C 79 16.38 -20.73 -30.16
C GLU C 79 17.22 -22.02 -30.30
N ILE C 80 17.87 -22.47 -29.20
CA ILE C 80 18.68 -23.70 -29.16
C ILE C 80 17.85 -24.90 -29.63
N LYS C 81 16.59 -25.00 -29.13
CA LYS C 81 15.70 -26.10 -29.46
C LYS C 81 15.40 -26.12 -30.93
N ARG C 82 15.05 -24.95 -31.50
CA ARG C 82 14.73 -24.74 -32.92
C ARG C 82 15.94 -25.11 -33.80
N GLU C 83 17.15 -24.61 -33.44
CA GLU C 83 18.38 -24.91 -34.19
C GLU C 83 18.70 -26.40 -34.21
N GLY C 84 18.57 -27.07 -33.06
CA GLY C 84 18.82 -28.49 -32.89
C GLY C 84 17.90 -29.35 -33.73
N LYS C 85 16.62 -28.94 -33.83
CA LYS C 85 15.60 -29.64 -34.60
C LYS C 85 15.98 -29.64 -36.08
N PHE C 86 16.48 -28.49 -36.56
CA PHE C 86 16.84 -28.33 -37.94
C PHE C 86 18.17 -28.95 -38.29
N ARG C 87 19.09 -29.07 -37.31
CA ARG C 87 20.36 -29.77 -37.47
C ARG C 87 20.13 -31.27 -37.50
N GLU C 88 19.17 -31.78 -36.67
CA GLU C 88 18.85 -33.22 -36.65
C GLU C 88 18.29 -33.65 -38.03
N LYS C 89 17.50 -32.75 -38.67
CA LYS C 89 16.92 -32.97 -40.00
C LYS C 89 18.05 -33.27 -41.00
N ARG C 90 19.14 -32.49 -40.89
CA ARG C 90 20.34 -32.59 -41.71
C ARG C 90 21.16 -33.85 -41.35
N ILE C 91 21.28 -34.20 -40.04
CA ILE C 91 21.95 -35.44 -39.58
C ILE C 91 21.22 -36.66 -40.12
N LYS C 92 19.87 -36.67 -40.04
CA LYS C 92 19.05 -37.77 -40.58
C LYS C 92 19.24 -37.95 -42.09
N ARG C 93 19.29 -36.83 -42.83
CA ARG C 93 19.52 -36.82 -44.30
C ARG C 93 20.86 -37.44 -44.61
N ASN C 94 21.90 -37.06 -43.84
CA ASN C 94 23.26 -37.58 -44.00
C ASN C 94 23.32 -39.07 -43.72
N GLU C 95 22.61 -39.55 -42.67
CA GLU C 95 22.50 -40.97 -42.32
C GLU C 95 21.87 -41.77 -43.49
N GLN C 96 20.79 -41.21 -44.09
CA GLN C 96 20.09 -41.83 -45.23
C GLN C 96 20.96 -41.85 -46.49
N SER C 97 21.71 -40.78 -46.76
CA SER C 97 22.61 -40.72 -47.91
C SER C 97 23.70 -41.79 -47.79
N LEU C 98 24.25 -41.97 -46.59
CA LEU C 98 25.28 -42.96 -46.32
C LEU C 98 24.73 -44.36 -46.34
N GLN C 99 23.41 -44.50 -46.10
CA GLN C 99 22.70 -45.78 -46.10
C GLN C 99 22.76 -46.35 -47.52
N GLU C 100 22.63 -45.46 -48.52
CA GLU C 100 22.69 -45.79 -49.94
C GLU C 100 24.11 -46.20 -50.41
N ILE C 101 25.15 -45.63 -49.79
CA ILE C 101 26.55 -45.83 -50.19
C ILE C 101 27.28 -46.98 -49.42
N TRP C 102 27.51 -46.78 -48.09
CA TRP C 102 28.34 -47.62 -47.21
C TRP C 102 27.49 -48.48 -46.24
N ASP C 103 27.75 -49.80 -46.19
CA ASP C 103 27.01 -50.73 -45.33
C ASP C 103 27.38 -50.60 -43.84
N GLY D 1 41.53 -9.08 -45.99
CA GLY D 1 42.63 -10.01 -45.84
C GLY D 1 42.98 -10.73 -47.12
N PRO D 2 43.89 -11.74 -47.04
CA PRO D 2 44.30 -12.48 -48.28
C PRO D 2 43.17 -13.19 -49.03
N HIS D 3 42.10 -13.58 -48.29
CA HIS D 3 41.02 -14.34 -48.87
C HIS D 3 39.68 -13.61 -48.86
N MET D 4 39.70 -12.24 -48.93
CA MET D 4 38.48 -11.40 -49.03
C MET D 4 37.63 -11.77 -50.26
N SER D 5 38.28 -11.96 -51.44
CA SER D 5 37.63 -12.33 -52.71
C SER D 5 36.81 -13.63 -52.59
N GLU D 6 37.37 -14.67 -51.90
CA GLU D 6 36.71 -15.96 -51.63
C GLU D 6 35.46 -15.73 -50.86
N LEU D 7 35.55 -14.92 -49.82
CA LEU D 7 34.47 -14.54 -48.92
C LEU D 7 33.41 -13.69 -49.67
N ARG D 8 33.86 -12.83 -50.58
CA ARG D 8 33.02 -11.97 -51.40
C ARG D 8 32.16 -12.81 -52.38
N GLU D 9 32.72 -13.94 -52.87
CA GLU D 9 32.01 -14.88 -53.73
C GLU D 9 30.83 -15.54 -52.99
N ASP D 10 31.05 -16.01 -51.74
CA ASP D 10 30.03 -16.68 -50.89
C ASP D 10 28.87 -15.75 -50.47
N ILE D 11 29.06 -14.41 -50.60
CA ILE D 11 27.99 -13.43 -50.33
C ILE D 11 27.00 -13.42 -51.56
N GLN D 12 27.53 -13.71 -52.77
CA GLN D 12 26.73 -13.82 -54.00
C GLN D 12 26.04 -15.21 -54.05
N THR D 13 26.83 -16.32 -53.94
CA THR D 13 26.30 -17.70 -53.94
C THR D 13 25.42 -17.94 -52.69
N LYS D 14 24.35 -18.75 -52.85
CA LYS D 14 23.34 -19.06 -51.81
C LYS D 14 22.60 -17.78 -51.36
N GLY D 15 21.64 -17.35 -52.18
CA GLY D 15 20.85 -16.16 -51.94
C GLY D 15 19.35 -16.43 -51.85
N LYS D 16 18.95 -17.73 -51.69
CA LYS D 16 17.54 -18.12 -51.58
C LYS D 16 17.13 -18.59 -50.15
N GLU D 17 17.76 -19.69 -49.61
CA GLU D 17 17.53 -20.26 -48.26
C GLU D 17 16.03 -20.58 -47.97
N VAL D 18 15.50 -21.69 -48.54
CA VAL D 18 14.08 -22.07 -48.41
C VAL D 18 13.74 -22.63 -46.99
N GLU D 19 14.56 -23.59 -46.47
CA GLU D 19 14.36 -24.22 -45.14
C GLU D 19 14.61 -23.23 -43.98
N ASN D 20 15.31 -22.11 -44.29
CA ASN D 20 15.59 -20.97 -43.42
C ASN D 20 14.25 -20.26 -43.08
N PHE D 21 13.25 -20.41 -43.97
CA PHE D 21 11.90 -19.85 -43.79
C PHE D 21 11.02 -20.79 -42.96
N GLU D 22 11.17 -22.13 -43.14
CA GLU D 22 10.43 -23.12 -42.34
C GLU D 22 10.76 -22.92 -40.85
N LYS D 23 12.05 -22.60 -40.56
CA LYS D 23 12.63 -22.30 -39.25
C LYS D 23 12.14 -20.94 -38.70
N ASN D 24 12.11 -19.89 -39.56
CA ASN D 24 11.63 -18.54 -39.21
C ASN D 24 10.11 -18.48 -38.97
N LEU D 25 9.33 -19.39 -39.60
CA LEU D 25 7.88 -19.54 -39.42
C LEU D 25 7.62 -20.24 -38.07
N GLU D 26 8.50 -21.20 -37.69
CA GLU D 26 8.39 -21.91 -36.43
C GLU D 26 8.60 -20.97 -35.27
N GLU D 27 9.56 -20.03 -35.41
CA GLU D 27 9.86 -18.97 -34.43
C GLU D 27 8.64 -18.05 -34.29
N CYS D 28 8.00 -17.72 -35.44
CA CYS D 28 6.78 -16.91 -35.50
C CYS D 28 5.65 -17.55 -34.71
N ILE D 29 5.34 -18.83 -34.99
CA ILE D 29 4.29 -19.59 -34.29
C ILE D 29 4.54 -19.62 -32.77
N THR D 30 5.80 -19.88 -32.37
CA THR D 30 6.21 -19.94 -30.96
C THR D 30 5.96 -18.59 -30.27
N ARG D 31 6.43 -17.48 -30.89
CA ARG D 31 6.27 -16.12 -30.39
C ARG D 31 4.79 -15.70 -30.27
N ILE D 32 3.95 -16.15 -31.24
CA ILE D 32 2.50 -15.89 -31.26
C ILE D 32 1.80 -16.65 -30.12
N THR D 33 2.12 -17.95 -29.96
CA THR D 33 1.57 -18.82 -28.92
C THR D 33 1.85 -18.23 -27.50
N ASN D 34 3.10 -17.75 -27.26
CA ASN D 34 3.52 -17.14 -25.99
C ASN D 34 2.74 -15.83 -25.71
N THR D 35 2.49 -15.04 -26.77
CA THR D 35 1.72 -13.79 -26.73
C THR D 35 0.24 -14.08 -26.37
N GLU D 36 -0.35 -15.12 -27.00
CA GLU D 36 -1.74 -15.53 -26.78
C GLU D 36 -2.01 -15.93 -25.32
N LYS D 37 -1.00 -16.57 -24.67
CA LYS D 37 -1.06 -17.00 -23.26
C LYS D 37 -1.14 -15.78 -22.32
N CYS D 38 -0.41 -14.72 -22.65
CA CYS D 38 -0.40 -13.47 -21.88
C CYS D 38 -1.71 -12.72 -21.97
N LEU D 39 -2.32 -12.64 -23.17
CA LEU D 39 -3.59 -11.95 -23.37
C LEU D 39 -4.72 -12.62 -22.60
N LYS D 40 -4.72 -13.98 -22.55
CA LYS D 40 -5.69 -14.79 -21.79
C LYS D 40 -5.59 -14.43 -20.28
N GLU D 41 -4.35 -14.20 -19.82
CA GLU D 41 -4.02 -13.81 -18.45
C GLU D 41 -4.50 -12.37 -18.17
N LEU D 42 -4.29 -11.46 -19.15
CA LEU D 42 -4.70 -10.05 -18.99
C LEU D 42 -6.20 -9.81 -19.16
N MET D 43 -6.94 -10.81 -19.68
CA MET D 43 -8.41 -10.70 -19.85
C MET D 43 -9.14 -10.68 -18.51
N GLU D 44 -8.49 -11.25 -17.48
CA GLU D 44 -8.99 -11.32 -16.09
C GLU D 44 -9.08 -9.92 -15.47
N LEU D 45 -8.16 -9.03 -15.89
CA LEU D 45 -8.11 -7.65 -15.43
C LEU D 45 -9.37 -6.86 -15.80
N LYS D 46 -10.06 -7.25 -16.90
CA LYS D 46 -11.32 -6.62 -17.34
C LYS D 46 -12.38 -6.76 -16.22
N THR D 47 -12.50 -7.98 -15.65
CA THR D 47 -13.42 -8.30 -14.56
C THR D 47 -12.97 -7.64 -13.24
N LYS D 48 -11.66 -7.70 -12.95
CA LYS D 48 -11.11 -7.10 -11.75
C LYS D 48 -11.33 -5.57 -11.69
N ALA D 49 -11.26 -4.90 -12.85
CA ALA D 49 -11.47 -3.46 -12.97
C ALA D 49 -12.95 -3.12 -12.76
N ARG D 50 -13.86 -4.01 -13.19
CA ARG D 50 -15.31 -3.84 -13.01
C ARG D 50 -15.67 -3.89 -11.51
N GLU D 51 -15.03 -4.84 -10.78
CA GLU D 51 -15.18 -5.04 -9.32
C GLU D 51 -14.70 -3.80 -8.55
N LEU D 52 -13.52 -3.28 -8.95
CA LEU D 52 -12.91 -2.08 -8.35
C LEU D 52 -13.75 -0.84 -8.59
N ARG D 53 -14.40 -0.75 -9.75
CA ARG D 53 -15.27 0.38 -10.10
C ARG D 53 -16.43 0.44 -9.13
N GLU D 54 -17.01 -0.74 -8.81
CA GLU D 54 -18.13 -0.89 -7.87
C GLU D 54 -17.72 -0.61 -6.44
N GLU D 55 -16.50 -1.07 -6.06
CA GLU D 55 -15.91 -0.83 -4.74
C GLU D 55 -15.79 0.67 -4.45
N CYS D 56 -15.36 1.46 -5.47
CA CYS D 56 -15.21 2.93 -5.39
C CYS D 56 -16.55 3.62 -5.37
N ARG D 57 -17.54 3.11 -6.13
CA ARG D 57 -18.88 3.65 -6.20
C ARG D 57 -19.52 3.60 -4.80
N SER D 58 -19.29 2.47 -4.10
CA SER D 58 -19.77 2.20 -2.73
C SER D 58 -19.10 3.15 -1.71
N LEU D 59 -17.75 3.33 -1.80
CA LEU D 59 -16.98 4.20 -0.93
C LEU D 59 -17.36 5.65 -1.11
N ARG D 60 -17.68 6.07 -2.36
CA ARG D 60 -18.12 7.45 -2.62
C ARG D 60 -19.44 7.74 -1.94
N SER D 61 -20.39 6.79 -1.96
CA SER D 61 -21.68 7.01 -1.30
C SER D 61 -21.52 7.01 0.24
N ARG D 62 -20.58 6.20 0.78
CA ARG D 62 -20.27 6.17 2.22
C ARG D 62 -19.68 7.49 2.68
N CYS D 63 -18.80 8.11 1.84
CA CYS D 63 -18.23 9.42 2.11
C CYS D 63 -19.28 10.49 2.02
N ASP D 64 -20.19 10.40 1.02
CA ASP D 64 -21.29 11.37 0.83
C ASP D 64 -22.12 11.46 2.11
N GLN D 65 -22.50 10.28 2.65
CA GLN D 65 -23.28 10.14 3.87
C GLN D 65 -22.53 10.67 5.10
N LEU D 66 -21.22 10.32 5.24
CA LEU D 66 -20.39 10.80 6.34
C LEU D 66 -20.27 12.31 6.32
N GLU D 67 -20.07 12.92 5.13
CA GLU D 67 -19.96 14.37 4.99
C GLU D 67 -21.24 15.09 5.44
N GLU D 68 -22.43 14.56 5.06
CA GLU D 68 -23.73 15.11 5.48
C GLU D 68 -23.84 15.06 7.01
N ARG D 69 -23.53 13.88 7.61
CA ARG D 69 -23.62 13.64 9.04
C ARG D 69 -22.68 14.54 9.82
N VAL D 70 -21.43 14.70 9.34
CA VAL D 70 -20.41 15.55 9.98
C VAL D 70 -20.80 17.02 9.90
N SER D 71 -21.36 17.47 8.76
CA SER D 71 -21.84 18.86 8.60
C SER D 71 -22.95 19.18 9.55
N ALA D 72 -23.89 18.24 9.71
CA ALA D 72 -25.04 18.36 10.63
C ALA D 72 -24.55 18.40 12.06
N ALA D 73 -23.57 17.52 12.42
CA ALA D 73 -22.96 17.48 13.75
C ALA D 73 -22.23 18.79 14.06
N GLU D 74 -21.48 19.33 13.09
CA GLU D 74 -20.76 20.60 13.24
C GLU D 74 -21.74 21.73 13.54
N ASP D 75 -22.86 21.79 12.79
CA ASP D 75 -23.88 22.81 12.97
C ASP D 75 -24.53 22.72 14.34
N GLU D 76 -24.81 21.48 14.80
CA GLU D 76 -25.39 21.23 16.12
C GLU D 76 -24.46 21.69 17.22
N ILE D 77 -23.15 21.40 17.10
CA ILE D 77 -22.13 21.82 18.06
C ILE D 77 -22.07 23.35 18.16
N ASN D 78 -22.12 24.05 17.01
CA ASN D 78 -22.10 25.51 16.99
C ASN D 78 -23.31 26.13 17.68
N GLU D 79 -24.49 25.53 17.51
CA GLU D 79 -25.71 25.96 18.15
C GLU D 79 -25.63 25.74 19.67
N ILE D 80 -25.16 24.54 20.11
CA ILE D 80 -24.96 24.21 21.52
C ILE D 80 -24.04 25.23 22.20
N LYS D 81 -22.94 25.59 21.53
CA LYS D 81 -21.96 26.56 22.02
C LYS D 81 -22.58 27.94 22.17
N ARG D 82 -23.34 28.39 21.16
CA ARG D 82 -24.07 29.65 21.14
C ARG D 82 -25.09 29.71 22.33
N GLU D 83 -25.86 28.63 22.56
CA GLU D 83 -26.83 28.54 23.66
C GLU D 83 -26.16 28.60 25.04
N GLY D 84 -25.01 27.92 25.17
CA GLY D 84 -24.21 27.86 26.39
C GLY D 84 -23.67 29.23 26.79
N LYS D 85 -23.31 30.04 25.80
CA LYS D 85 -22.83 31.40 26.01
C LYS D 85 -23.91 32.20 26.71
N PHE D 86 -25.17 32.03 26.27
CA PHE D 86 -26.33 32.76 26.78
C PHE D 86 -26.78 32.26 28.12
N ARG D 87 -26.66 30.96 28.34
CA ARG D 87 -26.99 30.37 29.62
C ARG D 87 -25.99 30.79 30.68
N GLU D 88 -24.69 30.87 30.32
CA GLU D 88 -23.61 31.35 31.20
C GLU D 88 -23.91 32.79 31.66
N LYS D 89 -24.38 33.65 30.73
CA LYS D 89 -24.72 35.05 31.01
C LYS D 89 -25.79 35.11 32.08
N ARG D 90 -26.78 34.22 31.99
CA ARG D 90 -27.89 34.10 32.89
C ARG D 90 -27.51 33.62 34.25
N ILE D 91 -26.66 32.55 34.34
CA ILE D 91 -26.12 32.04 35.61
C ILE D 91 -25.34 33.17 36.31
N LYS D 92 -24.42 33.85 35.59
CA LYS D 92 -23.63 34.97 36.15
C LYS D 92 -24.50 36.09 36.70
N ARG D 93 -25.54 36.46 35.93
CA ARG D 93 -26.47 37.51 36.34
C ARG D 93 -27.23 37.09 37.62
N ASN D 94 -27.60 35.77 37.75
CA ASN D 94 -28.26 35.22 38.93
C ASN D 94 -27.32 35.21 40.15
N GLU D 95 -26.02 34.90 39.92
CA GLU D 95 -24.99 34.91 40.97
C GLU D 95 -24.85 36.31 41.53
N GLN D 96 -24.82 37.33 40.65
CA GLN D 96 -24.70 38.72 41.05
C GLN D 96 -25.94 39.20 41.83
N SER D 97 -27.13 38.82 41.34
CA SER D 97 -28.41 39.14 41.98
C SER D 97 -28.46 38.61 43.40
N LEU D 98 -28.00 37.34 43.61
CA LEU D 98 -27.94 36.70 44.93
C LEU D 98 -26.98 37.37 45.87
N GLN D 99 -25.79 37.80 45.41
CA GLN D 99 -24.82 38.54 46.24
C GLN D 99 -25.37 39.91 46.66
N GLU D 100 -26.27 40.47 45.85
CA GLU D 100 -26.92 41.75 46.12
C GLU D 100 -28.17 41.57 46.96
N ILE D 101 -28.81 40.39 46.88
CA ILE D 101 -30.07 40.13 47.58
C ILE D 101 -29.93 40.27 49.10
N TRP D 102 -28.72 39.95 49.65
CA TRP D 102 -28.48 39.99 51.10
C TRP D 102 -28.41 41.41 51.67
N ASP D 103 -28.39 42.42 50.79
CA ASP D 103 -28.39 43.83 51.16
C ASP D 103 -29.80 44.45 50.96
N TYR D 104 -30.69 43.71 50.27
CA TYR D 104 -32.09 44.09 50.01
C TYR D 104 -32.92 43.85 51.28
N GLU E 17 6.48 -14.33 -56.06
CA GLU E 17 6.55 -15.70 -55.57
C GLU E 17 7.49 -15.84 -54.35
N VAL E 18 8.81 -16.10 -54.58
CA VAL E 18 9.82 -16.25 -53.50
C VAL E 18 10.05 -14.91 -52.75
N GLU E 19 10.02 -13.79 -53.49
CA GLU E 19 10.18 -12.43 -52.95
C GLU E 19 8.94 -12.04 -52.17
N ASN E 20 7.76 -12.56 -52.56
CA ASN E 20 6.46 -12.28 -51.94
C ASN E 20 6.33 -12.87 -50.52
N PHE E 21 6.70 -14.17 -50.33
CA PHE E 21 6.63 -14.81 -49.02
C PHE E 21 7.76 -14.39 -48.10
N GLU E 22 8.84 -13.82 -48.69
CA GLU E 22 9.98 -13.27 -47.99
C GLU E 22 9.54 -12.00 -47.26
N LYS E 23 8.88 -11.08 -48.01
CA LYS E 23 8.37 -9.78 -47.55
C LYS E 23 7.33 -9.94 -46.45
N ASN E 24 6.41 -10.93 -46.61
CA ASN E 24 5.35 -11.21 -45.64
C ASN E 24 5.91 -11.70 -44.30
N LEU E 25 7.01 -12.48 -44.32
CA LEU E 25 7.65 -12.95 -43.09
C LEU E 25 8.27 -11.80 -42.29
N GLU E 26 8.88 -10.79 -42.99
CA GLU E 26 9.48 -9.58 -42.38
C GLU E 26 8.38 -8.76 -41.70
N GLU E 27 7.20 -8.65 -42.37
CA GLU E 27 6.02 -7.95 -41.85
C GLU E 27 5.54 -8.67 -40.58
N CYS E 28 5.53 -10.03 -40.62
CA CYS E 28 5.11 -10.86 -39.50
C CYS E 28 6.00 -10.65 -38.28
N ILE E 29 7.34 -10.76 -38.46
CA ILE E 29 8.31 -10.54 -37.38
C ILE E 29 8.15 -9.15 -36.77
N THR E 30 8.02 -8.12 -37.62
CA THR E 30 7.83 -6.72 -37.20
C THR E 30 6.55 -6.56 -36.35
N ARG E 31 5.40 -7.10 -36.85
CA ARG E 31 4.11 -7.07 -36.15
C ARG E 31 4.14 -7.82 -34.80
N ILE E 32 4.89 -8.95 -34.73
CA ILE E 32 5.06 -9.75 -33.51
C ILE E 32 5.91 -8.97 -32.47
N THR E 33 7.05 -8.40 -32.92
CA THR E 33 7.96 -7.60 -32.09
C THR E 33 7.22 -6.41 -31.45
N ASN E 34 6.39 -5.69 -32.26
CA ASN E 34 5.59 -4.54 -31.80
C ASN E 34 4.54 -4.95 -30.77
N THR E 35 3.93 -6.13 -30.97
CA THR E 35 2.93 -6.72 -30.07
C THR E 35 3.59 -7.09 -28.72
N GLU E 36 4.80 -7.69 -28.75
CA GLU E 36 5.56 -8.10 -27.56
C GLU E 36 5.93 -6.92 -26.66
N LYS E 37 6.23 -5.75 -27.28
CA LYS E 37 6.55 -4.50 -26.58
C LYS E 37 5.32 -3.98 -25.78
N CYS E 38 4.12 -4.12 -26.38
CA CYS E 38 2.86 -3.72 -25.76
C CYS E 38 2.49 -4.61 -24.59
N LEU E 39 2.68 -5.93 -24.70
CA LEU E 39 2.37 -6.86 -23.60
C LEU E 39 3.25 -6.61 -22.39
N LYS E 40 4.55 -6.26 -22.60
CA LYS E 40 5.49 -5.91 -21.53
C LYS E 40 4.98 -4.66 -20.77
N GLU E 41 4.37 -3.72 -21.52
CA GLU E 41 3.76 -2.50 -21.02
C GLU E 41 2.46 -2.83 -20.25
N LEU E 42 1.63 -3.75 -20.77
CA LEU E 42 0.37 -4.14 -20.14
C LEU E 42 0.55 -5.09 -18.93
N MET E 43 1.75 -5.64 -18.74
CA MET E 43 2.04 -6.54 -17.60
C MET E 43 2.02 -5.76 -16.30
N GLU E 44 2.29 -4.44 -16.38
CA GLU E 44 2.30 -3.50 -15.25
C GLU E 44 0.92 -3.35 -14.65
N LEU E 45 -0.13 -3.47 -15.50
CA LEU E 45 -1.52 -3.37 -15.07
C LEU E 45 -1.93 -4.45 -14.07
N LYS E 46 -1.28 -5.65 -14.17
CA LYS E 46 -1.53 -6.76 -13.25
C LYS E 46 -1.20 -6.33 -11.79
N THR E 47 -0.04 -5.65 -11.61
CA THR E 47 0.44 -5.13 -10.33
C THR E 47 -0.42 -3.94 -9.86
N LYS E 48 -0.76 -3.02 -10.78
CA LYS E 48 -1.61 -1.84 -10.49
C LYS E 48 -2.99 -2.27 -9.95
N ALA E 49 -3.58 -3.32 -10.55
CA ALA E 49 -4.88 -3.84 -10.11
C ALA E 49 -4.85 -4.40 -8.65
N ARG E 50 -3.75 -5.06 -8.27
CA ARG E 50 -3.58 -5.59 -6.91
C ARG E 50 -3.34 -4.44 -5.89
N GLU E 51 -2.70 -3.32 -6.34
CA GLU E 51 -2.50 -2.11 -5.54
C GLU E 51 -3.83 -1.43 -5.29
N LEU E 52 -4.70 -1.32 -6.33
CA LEU E 52 -6.03 -0.72 -6.22
C LEU E 52 -6.96 -1.52 -5.31
N ARG E 53 -6.83 -2.86 -5.32
CA ARG E 53 -7.61 -3.74 -4.45
C ARG E 53 -7.32 -3.41 -2.97
N GLU E 54 -6.02 -3.23 -2.65
CA GLU E 54 -5.50 -2.89 -1.31
C GLU E 54 -5.90 -1.47 -0.90
N GLU E 55 -5.87 -0.52 -1.87
CA GLU E 55 -6.27 0.87 -1.66
C GLU E 55 -7.73 0.95 -1.19
N CYS E 56 -8.61 0.14 -1.79
CA CYS E 56 -10.03 0.04 -1.43
C CYS E 56 -10.24 -0.63 -0.09
N ARG E 57 -9.43 -1.65 0.22
CA ARG E 57 -9.49 -2.39 1.48
C ARG E 57 -9.21 -1.42 2.65
N SER E 58 -8.20 -0.54 2.44
CA SER E 58 -7.78 0.50 3.37
C SER E 58 -8.89 1.56 3.58
N LEU E 59 -9.48 2.07 2.47
CA LEU E 59 -10.55 3.06 2.56
C LEU E 59 -11.79 2.49 3.25
N ARG E 60 -12.12 1.21 3.01
CA ARG E 60 -13.28 0.59 3.68
C ARG E 60 -13.11 0.59 5.18
N SER E 61 -11.89 0.26 5.67
CA SER E 61 -11.63 0.25 7.12
C SER E 61 -11.65 1.69 7.70
N ARG E 62 -11.19 2.69 6.91
CA ARG E 62 -11.21 4.10 7.29
C ARG E 62 -12.65 4.59 7.45
N CYS E 63 -13.55 4.16 6.53
CA CYS E 63 -14.98 4.50 6.60
C CYS E 63 -15.64 3.79 7.77
N ASP E 64 -15.24 2.53 8.05
CA ASP E 64 -15.79 1.75 9.17
C ASP E 64 -15.57 2.51 10.48
N GLN E 65 -14.32 2.98 10.66
CA GLN E 65 -13.87 3.74 11.81
C GLN E 65 -14.58 5.08 11.93
N LEU E 66 -14.68 5.83 10.80
CA LEU E 66 -15.37 7.11 10.77
C LEU E 66 -16.83 6.97 11.13
N GLU E 67 -17.51 5.94 10.61
CA GLU E 67 -18.93 5.73 10.92
C GLU E 67 -19.15 5.50 12.43
N GLU E 68 -18.28 4.69 13.08
CA GLU E 68 -18.34 4.44 14.52
C GLU E 68 -18.17 5.76 15.30
N ARG E 69 -17.12 6.53 14.95
CA ARG E 69 -16.81 7.81 15.58
C ARG E 69 -17.93 8.83 15.42
N VAL E 70 -18.52 8.92 14.22
CA VAL E 70 -19.62 9.86 13.93
C VAL E 70 -20.88 9.48 14.72
N SER E 71 -21.19 8.18 14.82
CA SER E 71 -22.33 7.70 15.58
C SER E 71 -22.19 8.03 17.08
N ALA E 72 -20.96 7.88 17.61
CA ALA E 72 -20.63 8.18 19.00
C ALA E 72 -20.76 9.68 19.25
N ALA E 73 -20.27 10.52 18.27
CA ALA E 73 -20.35 11.97 18.35
C ALA E 73 -21.78 12.43 18.32
N GLU E 74 -22.61 11.82 17.44
CA GLU E 74 -24.04 12.13 17.34
C GLU E 74 -24.75 11.85 18.68
N ASP E 75 -24.44 10.70 19.32
CA ASP E 75 -25.00 10.32 20.61
C ASP E 75 -24.64 11.31 21.69
N GLU E 76 -23.37 11.76 21.71
CA GLU E 76 -22.88 12.76 22.66
C GLU E 76 -23.61 14.08 22.50
N ILE E 77 -23.81 14.53 21.25
CA ILE E 77 -24.54 15.77 20.94
C ILE E 77 -26.02 15.69 21.45
N ASN E 78 -26.66 14.58 21.24
CA ASN E 78 -28.04 14.38 21.68
C ASN E 78 -28.18 14.44 23.20
N GLU E 79 -27.21 13.88 23.91
CA GLU E 79 -27.17 13.89 25.35
C GLU E 79 -26.95 15.30 25.88
N ILE E 80 -25.97 16.03 25.29
CA ILE E 80 -25.67 17.43 25.63
C ILE E 80 -26.91 18.29 25.47
N LYS E 81 -27.65 18.13 24.35
CA LYS E 81 -28.86 18.89 24.06
C LYS E 81 -29.92 18.62 25.11
N ARG E 82 -30.04 17.35 25.52
CA ARG E 82 -31.04 16.94 26.49
C ARG E 82 -30.74 17.60 27.83
N GLU E 83 -29.48 17.49 28.28
CA GLU E 83 -29.01 18.05 29.54
C GLU E 83 -29.15 19.56 29.58
N GLY E 84 -28.91 20.23 28.46
CA GLY E 84 -29.04 21.68 28.32
C GLY E 84 -30.46 22.17 28.51
N LYS E 85 -31.44 21.39 28.00
CA LYS E 85 -32.86 21.70 28.15
C LYS E 85 -33.21 21.76 29.62
N PHE E 86 -32.68 20.79 30.40
CA PHE E 86 -32.96 20.64 31.82
C PHE E 86 -32.23 21.62 32.66
N ARG E 87 -31.03 22.02 32.25
CA ARG E 87 -30.27 23.06 32.94
C ARG E 87 -30.95 24.39 32.77
N GLU E 88 -31.45 24.67 31.53
CA GLU E 88 -32.18 25.89 31.20
C GLU E 88 -33.44 26.01 32.09
N LYS E 89 -34.15 24.89 32.30
CA LYS E 89 -35.35 24.82 33.14
C LYS E 89 -35.02 25.25 34.58
N ARG E 90 -33.86 24.82 35.09
CA ARG E 90 -33.35 25.16 36.40
C ARG E 90 -32.95 26.62 36.53
N ILE E 91 -32.25 27.18 35.52
CA ILE E 91 -31.91 28.61 35.48
C ILE E 91 -33.21 29.44 35.51
N LYS E 92 -34.19 29.10 34.64
CA LYS E 92 -35.49 29.79 34.59
C LYS E 92 -36.21 29.78 35.96
N ARG E 93 -36.18 28.64 36.66
CA ARG E 93 -36.75 28.48 37.99
C ARG E 93 -36.08 29.42 38.98
N ASN E 94 -34.73 29.51 38.94
CA ASN E 94 -33.92 30.40 39.79
C ASN E 94 -34.26 31.87 39.52
N GLU E 95 -34.46 32.22 38.22
CA GLU E 95 -34.86 33.57 37.80
C GLU E 95 -36.25 33.93 38.38
N GLN E 96 -37.20 32.95 38.37
CA GLN E 96 -38.55 33.13 38.92
C GLN E 96 -38.55 33.23 40.43
N SER E 97 -37.67 32.50 41.09
CA SER E 97 -37.50 32.54 42.55
C SER E 97 -37.00 33.91 42.99
N LEU E 98 -36.02 34.48 42.24
CA LEU E 98 -35.48 35.83 42.50
C LEU E 98 -36.54 36.89 42.24
N GLN E 99 -37.34 36.71 41.15
CA GLN E 99 -38.44 37.63 40.86
C GLN E 99 -39.42 37.68 42.02
N GLU E 100 -39.73 36.51 42.61
CA GLU E 100 -40.64 36.40 43.73
C GLU E 100 -40.13 37.12 44.97
N ILE E 101 -38.79 37.14 45.18
CA ILE E 101 -38.13 37.87 46.26
C ILE E 101 -38.28 39.39 46.02
N TRP E 102 -37.88 39.88 44.81
CA TRP E 102 -37.99 41.31 44.45
C TRP E 102 -39.41 41.87 44.52
N ASP E 103 -40.41 41.02 44.23
CA ASP E 103 -41.82 41.42 44.17
C ASP E 103 -42.57 41.15 45.46
N TYR E 104 -41.89 40.59 46.47
CA TYR E 104 -42.49 40.27 47.77
C TYR E 104 -42.98 41.51 48.57
N GLU F 17 6.61 -27.50 -48.79
CA GLU F 17 5.94 -27.00 -50.00
C GLU F 17 5.64 -25.50 -49.90
N VAL F 18 5.55 -24.81 -51.06
CA VAL F 18 5.21 -23.37 -51.12
C VAL F 18 3.73 -23.14 -50.77
N GLU F 19 2.82 -24.06 -51.19
CA GLU F 19 1.38 -24.01 -50.85
C GLU F 19 1.17 -24.31 -49.34
N ASN F 20 2.05 -25.17 -48.77
CA ASN F 20 2.05 -25.52 -47.34
C ASN F 20 2.55 -24.32 -46.52
N PHE F 21 3.49 -23.55 -47.11
CA PHE F 21 4.07 -22.34 -46.55
C PHE F 21 3.05 -21.20 -46.56
N GLU F 22 2.33 -21.02 -47.70
CA GLU F 22 1.30 -19.99 -47.86
C GLU F 22 0.25 -20.14 -46.78
N LYS F 23 -0.23 -21.40 -46.57
CA LYS F 23 -1.25 -21.73 -45.57
C LYS F 23 -0.76 -21.35 -44.15
N ASN F 24 0.50 -21.74 -43.82
CA ASN F 24 1.16 -21.48 -42.53
C ASN F 24 1.44 -19.98 -42.30
N LEU F 25 1.69 -19.20 -43.38
CA LEU F 25 1.89 -17.74 -43.30
C LEU F 25 0.54 -17.05 -43.11
N GLU F 26 -0.52 -17.56 -43.81
CA GLU F 26 -1.87 -17.01 -43.69
C GLU F 26 -2.38 -17.20 -42.27
N GLU F 27 -2.17 -18.40 -41.69
CA GLU F 27 -2.54 -18.72 -40.31
C GLU F 27 -1.75 -17.84 -39.29
N CYS F 28 -0.47 -17.48 -39.60
CA CYS F 28 0.37 -16.58 -38.81
C CYS F 28 -0.24 -15.19 -38.84
N ILE F 29 -0.51 -14.67 -40.06
CA ILE F 29 -1.13 -13.37 -40.29
C ILE F 29 -2.53 -13.31 -39.61
N THR F 30 -3.29 -14.44 -39.62
CA THR F 30 -4.61 -14.55 -38.97
C THR F 30 -4.45 -14.40 -37.46
N ARG F 31 -3.55 -15.22 -36.85
CA ARG F 31 -3.27 -15.25 -35.42
C ARG F 31 -2.75 -13.91 -34.90
N ILE F 32 -1.91 -13.21 -35.69
CA ILE F 32 -1.35 -11.89 -35.35
C ILE F 32 -2.44 -10.83 -35.34
N THR F 33 -3.29 -10.81 -36.41
CA THR F 33 -4.41 -9.86 -36.54
C THR F 33 -5.39 -9.99 -35.36
N ASN F 34 -5.73 -11.25 -34.96
CA ASN F 34 -6.63 -11.55 -33.83
C ASN F 34 -6.03 -11.09 -32.49
N THR F 35 -4.69 -11.24 -32.34
CA THR F 35 -3.92 -10.80 -31.18
C THR F 35 -3.92 -9.27 -31.09
N GLU F 36 -3.71 -8.57 -32.23
CA GLU F 36 -3.69 -7.11 -32.31
C GLU F 36 -5.02 -6.49 -31.91
N LYS F 37 -6.15 -7.17 -32.21
CA LYS F 37 -7.52 -6.75 -31.85
C LYS F 37 -7.69 -6.79 -30.33
N CYS F 38 -7.11 -7.82 -29.67
CA CYS F 38 -7.15 -7.98 -28.21
C CYS F 38 -6.33 -6.93 -27.49
N LEU F 39 -5.14 -6.59 -28.01
CA LEU F 39 -4.28 -5.56 -27.40
C LEU F 39 -4.93 -4.18 -27.46
N LYS F 40 -5.64 -3.87 -28.58
CA LYS F 40 -6.40 -2.62 -28.76
C LYS F 40 -7.51 -2.53 -27.70
N GLU F 41 -8.13 -3.70 -27.39
CA GLU F 41 -9.17 -3.87 -26.36
C GLU F 41 -8.57 -3.70 -24.97
N LEU F 42 -7.37 -4.28 -24.72
CA LEU F 42 -6.70 -4.20 -23.43
C LEU F 42 -6.02 -2.85 -23.17
N MET F 43 -5.84 -2.01 -24.22
CA MET F 43 -5.25 -0.67 -24.09
C MET F 43 -6.16 0.24 -23.31
N GLU F 44 -7.48 -0.03 -23.32
CA GLU F 44 -8.52 0.71 -22.62
C GLU F 44 -8.32 0.56 -21.13
N LEU F 45 -7.83 -0.61 -20.67
CA LEU F 45 -7.58 -0.89 -19.27
C LEU F 45 -6.51 0.03 -18.68
N LYS F 46 -5.55 0.52 -19.51
CA LYS F 46 -4.50 1.46 -19.08
C LYS F 46 -5.15 2.75 -18.58
N THR F 47 -6.16 3.26 -19.34
CA THR F 47 -6.94 4.47 -19.00
C THR F 47 -7.86 4.19 -17.81
N LYS F 48 -8.55 3.03 -17.81
CA LYS F 48 -9.46 2.64 -16.72
C LYS F 48 -8.73 2.50 -15.38
N ALA F 49 -7.48 2.00 -15.39
CA ALA F 49 -6.64 1.84 -14.20
C ALA F 49 -6.18 3.20 -13.68
N ARG F 50 -5.92 4.15 -14.61
CA ARG F 50 -5.52 5.53 -14.30
C ARG F 50 -6.68 6.25 -13.57
N GLU F 51 -7.93 6.04 -14.07
CA GLU F 51 -9.17 6.58 -13.52
C GLU F 51 -9.41 6.05 -12.11
N LEU F 52 -9.23 4.72 -11.90
CA LEU F 52 -9.39 4.09 -10.59
C LEU F 52 -8.34 4.55 -9.60
N ARG F 53 -7.11 4.82 -10.08
CA ARG F 53 -6.01 5.32 -9.23
C ARG F 53 -6.41 6.69 -8.71
N GLU F 54 -6.96 7.54 -9.60
CA GLU F 54 -7.43 8.87 -9.25
C GLU F 54 -8.62 8.83 -8.29
N GLU F 55 -9.63 7.95 -8.57
CA GLU F 55 -10.82 7.73 -7.74
C GLU F 55 -10.42 7.45 -6.30
N CYS F 56 -9.37 6.62 -6.09
CA CYS F 56 -8.82 6.29 -4.77
C CYS F 56 -8.07 7.47 -4.17
N ARG F 57 -7.33 8.23 -5.00
CA ARG F 57 -6.58 9.42 -4.58
C ARG F 57 -7.58 10.47 -4.03
N SER F 58 -8.74 10.62 -4.73
CA SER F 58 -9.85 11.50 -4.35
C SER F 58 -10.50 11.07 -3.02
N LEU F 59 -10.76 9.76 -2.85
CA LEU F 59 -11.36 9.18 -1.63
C LEU F 59 -10.44 9.30 -0.45
N ARG F 60 -9.12 9.18 -0.67
CA ARG F 60 -8.15 9.32 0.42
C ARG F 60 -8.14 10.72 0.99
N SER F 61 -8.18 11.75 0.14
CA SER F 61 -8.23 13.13 0.64
C SER F 61 -9.57 13.45 1.32
N ARG F 62 -10.69 12.82 0.86
CA ARG F 62 -12.01 12.96 1.47
C ARG F 62 -12.00 12.36 2.90
N CYS F 63 -11.33 11.20 3.07
CA CYS F 63 -11.17 10.58 4.38
C CYS F 63 -10.24 11.39 5.27
N ASP F 64 -9.14 11.93 4.69
CA ASP F 64 -8.20 12.78 5.43
C ASP F 64 -8.94 13.95 6.06
N GLN F 65 -9.79 14.62 5.26
CA GLN F 65 -10.60 15.77 5.64
C GLN F 65 -11.62 15.41 6.70
N LEU F 66 -12.34 14.27 6.51
CA LEU F 66 -13.34 13.80 7.47
C LEU F 66 -12.70 13.48 8.81
N GLU F 67 -11.51 12.85 8.80
CA GLU F 67 -10.80 12.51 10.05
C GLU F 67 -10.43 13.78 10.84
N GLU F 68 -9.93 14.84 10.16
CA GLU F 68 -9.61 16.13 10.80
C GLU F 68 -10.88 16.73 11.42
N ARG F 69 -11.98 16.78 10.63
CA ARG F 69 -13.26 17.35 11.06
C ARG F 69 -13.85 16.60 12.25
N VAL F 70 -13.80 15.24 12.24
CA VAL F 70 -14.34 14.42 13.32
C VAL F 70 -13.51 14.60 14.59
N SER F 71 -12.17 14.70 14.45
CA SER F 71 -11.29 14.94 15.60
C SER F 71 -11.59 16.29 16.26
N ALA F 72 -11.84 17.33 15.44
CA ALA F 72 -12.17 18.67 15.89
C ALA F 72 -13.50 18.66 16.60
N ALA F 73 -14.51 17.95 16.02
CA ALA F 73 -15.84 17.80 16.61
C ALA F 73 -15.75 17.09 17.96
N GLU F 74 -14.96 15.99 18.05
CA GLU F 74 -14.74 15.25 19.30
C GLU F 74 -14.15 16.15 20.41
N ASP F 75 -13.14 16.98 20.05
CA ASP F 75 -12.51 17.93 20.96
C ASP F 75 -13.51 18.97 21.47
N GLU F 76 -14.36 19.50 20.56
CA GLU F 76 -15.41 20.46 20.90
C GLU F 76 -16.43 19.85 21.86
N ILE F 77 -16.83 18.59 21.62
CA ILE F 77 -17.77 17.89 22.49
C ILE F 77 -17.21 17.72 23.92
N ASN F 78 -15.93 17.37 24.02
CA ASN F 78 -15.28 17.18 25.30
C ASN F 78 -15.23 18.47 26.12
N GLU F 79 -14.96 19.61 25.46
CA GLU F 79 -14.92 20.93 26.07
C GLU F 79 -16.34 21.32 26.54
N ILE F 80 -17.37 21.18 25.67
CA ILE F 80 -18.77 21.45 26.00
C ILE F 80 -19.22 20.65 27.23
N LYS F 81 -18.86 19.35 27.29
CA LYS F 81 -19.23 18.47 28.40
C LYS F 81 -18.63 18.97 29.71
N ARG F 82 -17.34 19.30 29.69
CA ARG F 82 -16.60 19.83 30.84
C ARG F 82 -17.23 21.18 31.32
N GLU F 83 -17.50 22.12 30.39
CA GLU F 83 -18.12 23.41 30.69
C GLU F 83 -19.49 23.29 31.33
N GLY F 84 -20.39 22.49 30.74
CA GLY F 84 -21.75 22.25 31.26
C GLY F 84 -21.74 21.68 32.66
N LYS F 85 -20.80 20.76 32.94
CA LYS F 85 -20.65 20.15 34.28
C LYS F 85 -20.37 21.23 35.33
N PHE F 86 -19.50 22.19 35.01
CA PHE F 86 -19.10 23.24 35.94
C PHE F 86 -20.11 24.43 35.97
N ARG F 87 -20.91 24.59 34.92
CA ARG F 87 -22.06 25.51 34.93
C ARG F 87 -23.18 24.91 35.80
N GLU F 88 -23.37 23.58 35.74
CA GLU F 88 -24.37 22.91 36.54
C GLU F 88 -24.03 23.06 38.06
N LYS F 89 -22.72 23.03 38.39
CA LYS F 89 -22.25 23.23 39.77
C LYS F 89 -22.72 24.61 40.31
N ARG F 90 -22.63 25.65 39.44
CA ARG F 90 -23.05 27.01 39.69
C ARG F 90 -24.58 27.17 39.81
N ILE F 91 -25.37 26.51 38.93
CA ILE F 91 -26.84 26.48 39.03
C ILE F 91 -27.23 25.89 40.41
N LYS F 92 -26.64 24.72 40.77
CA LYS F 92 -26.90 24.06 42.05
C LYS F 92 -26.60 24.98 43.24
N ARG F 93 -25.50 25.74 43.18
CA ARG F 93 -25.13 26.72 44.22
C ARG F 93 -26.21 27.79 44.38
N ASN F 94 -26.66 28.33 43.24
CA ASN F 94 -27.73 29.32 43.20
C ASN F 94 -29.04 28.79 43.78
N GLU F 95 -29.40 27.52 43.45
CA GLU F 95 -30.57 26.81 43.99
C GLU F 95 -30.48 26.69 45.50
N GLN F 96 -29.28 26.35 46.02
CA GLN F 96 -29.05 26.20 47.46
C GLN F 96 -29.17 27.52 48.18
N SER F 97 -28.68 28.59 47.57
CA SER F 97 -28.77 29.94 48.14
C SER F 97 -30.25 30.38 48.24
N LEU F 98 -31.03 30.12 47.19
CA LEU F 98 -32.47 30.44 47.15
C LEU F 98 -33.24 29.56 48.12
N GLN F 99 -32.79 28.30 48.31
CA GLN F 99 -33.36 27.37 49.29
C GLN F 99 -33.19 27.90 50.70
N GLU F 100 -32.03 28.52 51.01
CA GLU F 100 -31.73 29.14 52.30
C GLU F 100 -32.66 30.35 52.56
N ILE F 101 -33.06 31.07 51.49
CA ILE F 101 -33.98 32.19 51.60
C ILE F 101 -35.43 31.72 51.83
N TRP F 102 -35.97 30.83 50.97
CA TRP F 102 -37.38 30.39 50.94
C TRP F 102 -37.78 29.30 51.91
N ASP F 103 -36.86 28.41 52.28
CA ASP F 103 -37.19 27.27 53.16
C ASP F 103 -37.02 27.62 54.60
N TYR F 104 -37.97 27.14 55.44
CA TYR F 104 -37.85 27.34 56.89
C TYR F 104 -36.78 26.40 57.39
#